data_1NPX
#
_entry.id   1NPX
#
_cell.length_a   77.200
_cell.length_b   134.500
_cell.length_c   145.900
_cell.angle_alpha   90.00
_cell.angle_beta   90.00
_cell.angle_gamma   90.00
#
_symmetry.space_group_name_H-M   'I 2 2 2'
#
loop_
_entity.id
_entity.type
_entity.pdbx_description
1 polymer 'NADH PEROXIDASE'
2 non-polymer 'FLAVIN-ADENINE DINUCLEOTIDE'
3 water water
#
_entity_poly.entity_id   1
_entity_poly.type   'polypeptide(L)'
_entity_poly.pdbx_seq_one_letter_code
;MKVIVLGSSHGGYEAVEELLNLHPDAEIQWYEKGDFISFLS(OCS)GMQLYLEGKVKDVNSVRYMTGEKMESRGVNVFSN
TEITAIQPKEHQVTVKDLVSGEERVENYDKLIISPGAVPFELDIPGKDLDNIYLMRGRQWAIKLKQKTVDPEVNNVVVIG
SGYIGIEAAEAFAKAGKKVTVIDILDRPLGVYLDKEFTDVLTEEMEANNITIATGETVERYEGDGRVQKVVTDKNAYDAD
LVVVAVGVRPNTAWLKGTLELHPNGLIKTDEYMRTSEPDVFAVGDATLIKYNPADTEVNIALATNARKQGRFAVKNLEEP
VKPFPGVQGSSGLAVFDYKFASTGINEVMAQKLGKETKAVTVVEDYLMDFNPDKQKAWFKLVYDPETTQILGAQLMSKAD
LTANINAISLAIQAKMTIEDLAYADFFFQPAFDKPWNIINTAALEAVKQER
;
_entity_poly.pdbx_strand_id   A
#
loop_
_chem_comp.id
_chem_comp.type
_chem_comp.name
_chem_comp.formula
FAD non-polymer 'FLAVIN-ADENINE DINUCLEOTIDE' 'C27 H33 N9 O15 P2'
#
# COMPACT_ATOMS: atom_id res chain seq x y z
N MET A 1 25.72 4.89 21.92
CA MET A 1 24.30 4.61 21.97
C MET A 1 24.14 3.47 20.98
N LYS A 2 23.39 2.44 21.33
CA LYS A 2 23.22 1.26 20.48
C LYS A 2 21.75 1.16 20.11
N VAL A 3 21.45 1.15 18.82
CA VAL A 3 20.07 1.10 18.35
C VAL A 3 19.94 -0.18 17.54
N ILE A 4 18.87 -0.94 17.80
CA ILE A 4 18.59 -2.15 17.05
C ILE A 4 17.33 -1.80 16.26
N VAL A 5 17.41 -2.06 14.95
CA VAL A 5 16.29 -1.88 14.02
C VAL A 5 15.85 -3.25 13.49
N LEU A 6 14.58 -3.56 13.66
CA LEU A 6 14.02 -4.78 13.14
C LEU A 6 13.32 -4.54 11.80
N GLY A 7 13.77 -5.25 10.77
CA GLY A 7 13.17 -5.27 9.44
C GLY A 7 13.94 -4.48 8.41
N SER A 8 14.13 -5.03 7.22
CA SER A 8 14.88 -4.35 6.20
C SER A 8 13.92 -3.79 5.12
N SER A 9 12.61 -3.74 5.37
CA SER A 9 11.68 -3.23 4.39
C SER A 9 11.54 -1.73 4.62
N HIS A 10 10.53 -1.08 4.06
CA HIS A 10 10.42 0.39 4.05
C HIS A 10 10.52 1.10 5.38
N GLY A 11 9.89 0.60 6.44
CA GLY A 11 9.96 1.28 7.73
C GLY A 11 11.34 1.16 8.39
N GLY A 12 11.92 -0.04 8.50
CA GLY A 12 13.21 -0.29 9.13
C GLY A 12 14.35 0.39 8.38
N TYR A 13 14.31 0.27 7.05
CA TYR A 13 15.26 0.90 6.16
C TYR A 13 15.29 2.41 6.41
N GLU A 14 14.20 3.16 6.41
CA GLU A 14 14.35 4.61 6.62
C GLU A 14 14.76 5.00 8.03
N ALA A 15 14.46 4.14 9.01
CA ALA A 15 14.95 4.36 10.35
C ALA A 15 16.49 4.26 10.33
N VAL A 16 17.09 3.32 9.59
CA VAL A 16 18.55 3.24 9.53
C VAL A 16 19.13 4.45 8.82
N GLU A 17 18.49 4.95 7.73
CA GLU A 17 18.94 6.14 7.02
C GLU A 17 18.92 7.36 7.91
N GLU A 18 17.82 7.63 8.61
CA GLU A 18 17.78 8.79 9.48
C GLU A 18 18.76 8.64 10.67
N LEU A 19 19.04 7.41 11.13
CA LEU A 19 20.01 7.19 12.19
C LEU A 19 21.38 7.56 11.68
N LEU A 20 21.63 7.32 10.41
CA LEU A 20 22.93 7.60 9.87
C LEU A 20 23.11 9.08 9.69
N ASN A 21 22.06 9.88 9.46
CA ASN A 21 22.38 11.27 9.40
C ASN A 21 22.10 12.05 10.67
N LEU A 22 21.34 11.51 11.62
CA LEU A 22 21.16 12.20 12.87
C LEU A 22 22.07 11.66 13.96
N HIS A 23 22.54 10.40 13.93
CA HIS A 23 23.38 9.85 14.97
C HIS A 23 24.46 9.03 14.32
N PRO A 24 25.42 9.65 13.63
CA PRO A 24 26.45 8.94 12.86
C PRO A 24 27.32 8.02 13.74
N ASP A 25 27.45 8.45 14.98
CA ASP A 25 28.16 7.87 16.10
C ASP A 25 27.66 6.56 16.65
N ALA A 26 26.37 6.35 16.44
CA ALA A 26 25.66 5.27 17.09
C ALA A 26 26.12 3.92 16.58
N GLU A 27 25.93 2.87 17.37
CA GLU A 27 26.23 1.52 16.94
C GLU A 27 24.87 1.02 16.51
N ILE A 28 24.70 0.65 15.24
CA ILE A 28 23.40 0.28 14.67
C ILE A 28 23.43 -1.15 14.21
N GLN A 29 22.49 -1.94 14.70
CA GLN A 29 22.34 -3.29 14.25
C GLN A 29 21.05 -3.30 13.47
N TRP A 30 21.03 -3.90 12.29
CA TRP A 30 19.87 -3.97 11.41
C TRP A 30 19.54 -5.45 11.25
N TYR A 31 18.39 -5.96 11.66
CA TYR A 31 18.08 -7.38 11.59
C TYR A 31 17.05 -7.71 10.50
N GLU A 32 17.23 -8.79 9.73
CA GLU A 32 16.23 -9.23 8.77
C GLU A 32 16.16 -10.75 8.86
N LYS A 33 14.96 -11.32 9.16
CA LYS A 33 14.85 -12.78 9.25
C LYS A 33 15.00 -13.49 7.91
N GLY A 34 14.61 -12.83 6.82
CA GLY A 34 14.74 -13.39 5.52
C GLY A 34 16.18 -13.27 5.08
N ASP A 35 16.21 -13.78 3.89
CA ASP A 35 17.39 -13.97 3.13
C ASP A 35 17.74 -12.79 2.26
N PHE A 36 16.81 -11.93 1.89
CA PHE A 36 17.18 -10.90 0.94
C PHE A 36 16.93 -9.56 1.62
N ILE A 37 17.88 -8.62 1.59
CA ILE A 37 17.70 -7.31 2.19
C ILE A 37 16.90 -6.44 1.24
N SER A 38 15.85 -5.79 1.72
CA SER A 38 15.16 -4.74 0.96
C SER A 38 14.63 -5.00 -0.46
N PHE A 39 13.99 -6.17 -0.65
CA PHE A 39 13.31 -6.48 -1.87
C PHE A 39 12.14 -5.49 -1.95
N LEU A 40 11.87 -4.94 -3.13
CA LEU A 40 10.76 -4.02 -3.24
C LEU A 40 9.51 -4.76 -3.74
N SER A 41 8.60 -5.23 -2.87
CA SER A 41 7.42 -5.92 -3.38
C SER A 41 6.55 -5.02 -4.27
N OCS A 42 6.66 -3.69 -4.11
CA OCS A 42 5.95 -2.71 -4.95
CB OCS A 42 6.26 -1.25 -4.55
SG OCS A 42 6.20 -1.11 -2.75
C OCS A 42 6.32 -2.83 -6.42
O OCS A 42 5.50 -2.44 -7.26
OD1 OCS A 42 7.21 -1.86 -2.04
OD2 OCS A 42 5.05 -1.67 -2.28
OD3 OCS A 42 6.16 0.18 -2.19
N GLY A 43 7.53 -3.36 -6.74
CA GLY A 43 8.01 -3.51 -8.11
C GLY A 43 7.69 -4.89 -8.67
N MET A 44 6.93 -5.73 -7.97
CA MET A 44 6.63 -7.09 -8.41
C MET A 44 5.84 -7.04 -9.71
N GLN A 45 4.90 -6.13 -9.92
CA GLN A 45 4.16 -6.06 -11.19
C GLN A 45 5.06 -5.79 -12.40
N LEU A 46 6.02 -4.84 -12.26
CA LEU A 46 6.95 -4.58 -13.36
C LEU A 46 7.78 -5.81 -13.75
N TYR A 47 8.15 -6.60 -12.76
CA TYR A 47 8.89 -7.82 -12.99
C TYR A 47 7.96 -8.89 -13.63
N LEU A 48 6.74 -9.06 -13.13
CA LEU A 48 5.85 -10.07 -13.65
C LEU A 48 5.51 -9.80 -15.10
N GLU A 49 5.38 -8.53 -15.47
CA GLU A 49 5.04 -8.19 -16.82
C GLU A 49 6.25 -8.15 -17.73
N GLY A 50 7.47 -8.38 -17.27
CA GLY A 50 8.61 -8.47 -18.14
C GLY A 50 9.30 -7.14 -18.36
N LYS A 51 8.85 -6.11 -17.69
CA LYS A 51 9.45 -4.81 -17.85
C LYS A 51 10.87 -4.81 -17.23
N VAL A 52 11.05 -5.50 -16.12
CA VAL A 52 12.30 -5.63 -15.38
C VAL A 52 12.64 -7.10 -15.59
N LYS A 53 13.81 -7.53 -16.02
CA LYS A 53 14.04 -8.95 -16.27
C LYS A 53 14.65 -9.65 -15.07
N ASP A 54 15.44 -8.95 -14.27
CA ASP A 54 16.19 -9.52 -13.15
C ASP A 54 15.49 -9.31 -11.83
N VAL A 55 14.96 -10.35 -11.17
CA VAL A 55 14.23 -10.13 -9.94
C VAL A 55 15.11 -9.57 -8.83
N ASN A 56 16.40 -9.89 -8.84
CA ASN A 56 17.28 -9.44 -7.79
C ASN A 56 17.62 -7.94 -7.87
N SER A 57 17.22 -7.24 -8.93
CA SER A 57 17.52 -5.83 -8.99
C SER A 57 16.32 -5.05 -8.47
N VAL A 58 15.20 -5.70 -8.17
CA VAL A 58 14.01 -5.01 -7.69
C VAL A 58 14.20 -4.82 -6.20
N ARG A 59 15.06 -3.90 -5.83
CA ARG A 59 15.42 -3.66 -4.45
C ARG A 59 15.93 -2.23 -4.34
N TYR A 60 16.08 -1.73 -3.11
CA TYR A 60 16.61 -0.39 -2.94
C TYR A 60 17.80 -0.34 -2.01
N MET A 61 18.31 -1.44 -1.50
CA MET A 61 19.49 -1.42 -0.63
C MET A 61 20.09 -2.82 -0.60
N THR A 62 21.37 -2.96 -0.26
CA THR A 62 21.96 -4.27 -0.05
C THR A 62 22.65 -4.24 1.35
N GLY A 63 22.86 -5.40 2.00
CA GLY A 63 23.55 -5.48 3.26
C GLY A 63 24.97 -5.00 3.06
N GLU A 64 25.61 -5.36 1.95
CA GLU A 64 26.98 -4.94 1.68
C GLU A 64 27.17 -3.43 1.67
N LYS A 65 26.25 -2.72 1.05
CA LYS A 65 26.33 -1.28 1.01
C LYS A 65 26.10 -0.68 2.39
N MET A 66 25.18 -1.21 3.20
CA MET A 66 24.94 -0.67 4.53
C MET A 66 26.12 -0.93 5.44
N GLU A 67 26.73 -2.09 5.31
CA GLU A 67 27.94 -2.38 6.06
C GLU A 67 29.07 -1.42 5.67
N SER A 68 29.26 -1.00 4.42
CA SER A 68 30.24 0.02 4.09
C SER A 68 30.05 1.31 4.86
N ARG A 69 28.81 1.53 5.32
CA ARG A 69 28.43 2.73 6.05
C ARG A 69 28.49 2.56 7.55
N GLY A 70 29.00 1.40 7.94
CA GLY A 70 29.17 1.06 9.32
C GLY A 70 27.97 0.43 9.99
N VAL A 71 27.01 -0.17 9.31
CA VAL A 71 25.86 -0.73 9.99
C VAL A 71 26.15 -2.21 10.08
N ASN A 72 25.73 -2.86 11.14
CA ASN A 72 25.85 -4.30 11.24
C ASN A 72 24.59 -4.88 10.73
N VAL A 73 24.64 -5.52 9.58
CA VAL A 73 23.43 -6.07 9.00
C VAL A 73 23.38 -7.53 9.43
N PHE A 74 22.28 -8.07 9.92
CA PHE A 74 22.21 -9.48 10.24
C PHE A 74 21.04 -10.06 9.43
N SER A 75 21.26 -10.65 8.26
CA SER A 75 20.17 -11.34 7.59
C SER A 75 20.13 -12.78 8.08
N ASN A 76 19.04 -13.45 7.74
CA ASN A 76 18.75 -14.78 8.22
C ASN A 76 18.86 -14.82 9.75
N THR A 77 18.52 -13.71 10.42
CA THR A 77 18.52 -13.55 11.86
C THR A 77 17.16 -13.00 12.31
N GLU A 78 16.45 -13.74 13.14
CA GLU A 78 15.14 -13.35 13.54
C GLU A 78 15.11 -12.81 14.95
N ILE A 79 14.38 -11.73 15.29
CA ILE A 79 14.16 -11.33 16.65
C ILE A 79 12.89 -12.07 17.04
N THR A 80 13.14 -12.91 18.01
CA THR A 80 12.25 -13.86 18.59
C THR A 80 11.42 -13.28 19.74
N ALA A 81 11.99 -12.36 20.51
CA ALA A 81 11.28 -11.76 21.61
C ALA A 81 11.95 -10.48 22.06
N ILE A 82 11.18 -9.65 22.72
CA ILE A 82 11.68 -8.40 23.24
C ILE A 82 11.52 -8.48 24.74
N GLN A 83 12.50 -8.02 25.52
CA GLN A 83 12.38 -7.95 26.96
C GLN A 83 12.49 -6.46 27.28
N PRO A 84 11.42 -5.68 27.20
CA PRO A 84 11.50 -4.23 27.23
C PRO A 84 12.04 -3.66 28.53
N LYS A 85 11.78 -4.21 29.73
CA LYS A 85 12.33 -3.63 30.96
C LYS A 85 13.85 -3.76 30.99
N GLU A 86 14.41 -4.95 30.70
CA GLU A 86 15.85 -5.01 30.79
C GLU A 86 16.54 -4.55 29.53
N HIS A 87 15.78 -4.10 28.53
CA HIS A 87 16.31 -3.60 27.28
C HIS A 87 17.12 -4.64 26.54
N GLN A 88 16.51 -5.78 26.30
CA GLN A 88 17.20 -6.85 25.59
C GLN A 88 16.29 -7.50 24.57
N VAL A 89 16.82 -8.10 23.52
CA VAL A 89 15.97 -8.87 22.60
C VAL A 89 16.60 -10.26 22.50
N THR A 90 15.85 -11.31 22.21
CA THR A 90 16.53 -12.57 21.95
C THR A 90 16.43 -12.79 20.45
N VAL A 91 17.60 -13.09 19.86
CA VAL A 91 17.75 -13.26 18.45
C VAL A 91 18.19 -14.67 18.06
N LYS A 92 17.63 -15.22 16.98
CA LYS A 92 17.98 -16.53 16.53
C LYS A 92 18.55 -16.50 15.13
N ASP A 93 19.80 -16.90 15.02
CA ASP A 93 20.45 -17.09 13.76
C ASP A 93 19.80 -18.32 13.12
N LEU A 94 19.13 -18.08 12.00
CA LEU A 94 18.37 -19.11 11.34
C LEU A 94 19.23 -20.07 10.54
N VAL A 95 20.47 -19.75 10.18
CA VAL A 95 21.25 -20.75 9.47
C VAL A 95 21.96 -21.64 10.49
N SER A 96 22.51 -21.14 11.62
CA SER A 96 23.16 -22.03 12.56
C SER A 96 22.24 -22.52 13.66
N GLY A 97 21.08 -21.94 13.90
CA GLY A 97 20.21 -22.36 14.97
C GLY A 97 20.58 -21.67 16.29
N GLU A 98 21.67 -20.91 16.36
CA GLU A 98 22.07 -20.26 17.59
C GLU A 98 21.29 -19.02 17.99
N GLU A 99 20.86 -19.07 19.24
CA GLU A 99 20.12 -18.00 19.85
C GLU A 99 21.07 -17.16 20.64
N ARG A 100 20.77 -15.89 20.92
CA ARG A 100 21.61 -15.09 21.76
C ARG A 100 20.78 -13.92 22.22
N VAL A 101 21.17 -13.29 23.32
CA VAL A 101 20.47 -12.15 23.85
C VAL A 101 21.31 -10.95 23.46
N GLU A 102 20.66 -9.88 22.99
CA GLU A 102 21.37 -8.66 22.63
C GLU A 102 20.85 -7.48 23.47
N ASN A 103 21.67 -6.53 23.94
CA ASN A 103 21.14 -5.43 24.74
C ASN A 103 20.96 -4.22 23.84
N TYR A 104 20.06 -3.27 24.08
CA TYR A 104 19.96 -2.10 23.21
C TYR A 104 19.73 -0.88 24.05
N ASP A 105 20.01 0.29 23.52
CA ASP A 105 19.64 1.51 24.18
C ASP A 105 18.26 1.94 23.67
N LYS A 106 18.01 1.81 22.35
CA LYS A 106 16.72 2.13 21.70
C LYS A 106 16.44 0.99 20.72
N LEU A 107 15.18 0.63 20.54
CA LEU A 107 14.78 -0.42 19.64
C LEU A 107 13.74 0.17 18.68
N ILE A 108 13.85 0.11 17.36
CA ILE A 108 12.78 0.56 16.44
C ILE A 108 12.23 -0.70 15.74
N ILE A 109 10.95 -1.09 15.78
CA ILE A 109 10.58 -2.30 15.09
C ILE A 109 9.67 -1.95 13.93
N SER A 110 9.87 -2.57 12.78
CA SER A 110 8.96 -2.44 11.65
C SER A 110 8.64 -3.85 11.19
N PRO A 111 7.85 -4.65 11.95
CA PRO A 111 7.69 -6.05 11.67
C PRO A 111 6.77 -6.33 10.50
N GLY A 112 6.03 -5.33 10.02
CA GLY A 112 5.16 -5.49 8.86
C GLY A 112 3.94 -6.35 9.04
N ALA A 113 3.53 -6.97 7.92
CA ALA A 113 2.27 -7.68 7.80
C ALA A 113 2.56 -8.87 6.94
N VAL A 114 1.66 -9.83 7.03
CA VAL A 114 1.75 -11.10 6.37
C VAL A 114 0.51 -11.22 5.46
N PRO A 115 0.48 -11.93 4.31
CA PRO A 115 -0.74 -12.13 3.53
C PRO A 115 -1.72 -13.01 4.29
N PHE A 116 -2.93 -12.53 4.26
CA PHE A 116 -4.05 -13.19 4.88
C PHE A 116 -4.41 -14.39 3.99
N GLU A 117 -4.67 -15.54 4.59
CA GLU A 117 -5.13 -16.71 3.85
C GLU A 117 -6.56 -17.06 4.17
N LEU A 118 -7.29 -17.60 3.23
CA LEU A 118 -8.64 -18.02 3.48
C LEU A 118 -8.47 -19.38 4.11
N ASP A 119 -9.00 -19.63 5.29
CA ASP A 119 -8.75 -20.91 5.92
C ASP A 119 -10.08 -21.63 5.79
N ILE A 120 -10.14 -22.28 4.63
CA ILE A 120 -11.34 -22.93 4.17
C ILE A 120 -10.91 -24.30 3.72
N PRO A 121 -11.80 -25.26 3.46
CA PRO A 121 -11.44 -26.55 2.92
C PRO A 121 -10.72 -26.39 1.59
N GLY A 122 -9.61 -27.09 1.43
CA GLY A 122 -8.81 -27.07 0.24
C GLY A 122 -7.59 -26.17 0.43
N LYS A 123 -7.65 -25.33 1.48
CA LYS A 123 -6.64 -24.41 1.96
C LYS A 123 -5.27 -24.67 1.41
N ASP A 124 -4.70 -25.86 1.41
CA ASP A 124 -3.63 -25.97 0.49
C ASP A 124 -3.27 -27.22 -0.24
N LEU A 125 -4.09 -27.15 -1.29
CA LEU A 125 -3.85 -27.90 -2.48
C LEU A 125 -2.69 -27.11 -3.11
N ASP A 126 -1.86 -27.69 -3.98
CA ASP A 126 -0.82 -26.89 -4.61
C ASP A 126 -1.41 -25.83 -5.55
N ASN A 127 -0.60 -24.79 -5.83
CA ASN A 127 -0.95 -23.70 -6.72
C ASN A 127 -2.00 -22.72 -6.21
N ILE A 128 -2.00 -22.50 -4.92
CA ILE A 128 -2.77 -21.46 -4.28
C ILE A 128 -1.63 -20.59 -3.75
N TYR A 129 -1.36 -19.45 -4.43
CA TYR A 129 -0.23 -18.59 -4.17
C TYR A 129 -0.57 -17.30 -3.47
N LEU A 130 0.41 -16.67 -2.84
CA LEU A 130 0.25 -15.39 -2.17
C LEU A 130 1.11 -14.34 -2.92
N MET A 131 1.03 -13.03 -2.62
CA MET A 131 1.79 -12.07 -3.37
C MET A 131 2.48 -11.12 -2.46
N ARG A 132 3.64 -11.51 -1.96
CA ARG A 132 4.40 -10.58 -1.14
C ARG A 132 5.80 -11.14 -1.10
N GLY A 133 6.85 -10.34 -1.33
CA GLY A 133 8.24 -10.78 -1.20
C GLY A 133 8.80 -11.51 -2.41
N ARG A 134 10.13 -11.70 -2.43
CA ARG A 134 10.90 -12.31 -3.50
C ARG A 134 10.45 -13.70 -3.93
N GLN A 135 10.25 -14.58 -2.94
CA GLN A 135 9.94 -15.96 -3.25
C GLN A 135 8.62 -16.13 -3.95
N TRP A 136 7.63 -15.40 -3.51
CA TRP A 136 6.34 -15.44 -4.17
C TRP A 136 6.46 -14.74 -5.50
N ALA A 137 7.26 -13.67 -5.67
CA ALA A 137 7.50 -13.01 -6.97
C ALA A 137 8.04 -14.02 -8.02
N ILE A 138 9.04 -14.81 -7.63
CA ILE A 138 9.63 -15.81 -8.50
C ILE A 138 8.62 -16.91 -8.86
N LYS A 139 7.92 -17.47 -7.89
CA LYS A 139 6.95 -18.51 -8.19
C LYS A 139 5.84 -18.00 -9.10
N LEU A 140 5.39 -16.76 -8.89
CA LEU A 140 4.33 -16.22 -9.72
C LEU A 140 4.84 -16.03 -11.14
N LYS A 141 6.07 -15.58 -11.36
CA LYS A 141 6.64 -15.41 -12.68
C LYS A 141 6.73 -16.74 -13.42
N GLN A 142 7.13 -17.83 -12.78
CA GLN A 142 7.23 -19.12 -13.45
C GLN A 142 5.84 -19.51 -13.94
N LYS A 143 4.76 -19.22 -13.18
CA LYS A 143 3.43 -19.57 -13.66
C LYS A 143 2.92 -18.80 -14.85
N THR A 144 3.48 -17.62 -15.09
CA THR A 144 3.11 -16.76 -16.21
C THR A 144 3.41 -17.47 -17.56
N VAL A 145 4.42 -18.32 -17.60
CA VAL A 145 4.79 -18.95 -18.86
C VAL A 145 4.50 -20.42 -18.83
N ASP A 146 3.78 -20.89 -17.86
CA ASP A 146 3.52 -22.33 -17.76
C ASP A 146 2.39 -22.65 -18.70
N PRO A 147 2.52 -23.55 -19.69
CA PRO A 147 1.46 -23.84 -20.61
C PRO A 147 0.28 -24.57 -19.97
N GLU A 148 0.48 -25.19 -18.81
CA GLU A 148 -0.57 -25.85 -18.05
C GLU A 148 -1.48 -24.85 -17.35
N VAL A 149 -1.06 -23.60 -17.18
CA VAL A 149 -1.91 -22.63 -16.51
C VAL A 149 -2.78 -21.94 -17.55
N ASN A 150 -4.06 -22.27 -17.61
CA ASN A 150 -4.94 -21.53 -18.47
C ASN A 150 -5.91 -20.60 -17.77
N ASN A 151 -6.38 -20.99 -16.58
CA ASN A 151 -7.40 -20.26 -15.83
C ASN A 151 -6.75 -19.78 -14.57
N VAL A 152 -6.72 -18.48 -14.25
CA VAL A 152 -6.23 -18.14 -12.95
C VAL A 152 -7.36 -17.36 -12.28
N VAL A 153 -7.52 -17.61 -10.98
CA VAL A 153 -8.54 -16.95 -10.19
C VAL A 153 -7.84 -16.05 -9.18
N VAL A 154 -8.11 -14.77 -8.99
CA VAL A 154 -7.46 -14.08 -7.90
C VAL A 154 -8.61 -13.68 -7.04
N ILE A 155 -8.37 -13.87 -5.73
CA ILE A 155 -9.36 -13.54 -4.72
C ILE A 155 -8.91 -12.23 -4.09
N GLY A 156 -9.77 -11.21 -4.18
CA GLY A 156 -9.41 -9.88 -3.69
C GLY A 156 -9.42 -8.94 -4.86
N SER A 157 -10.12 -7.82 -4.80
CA SER A 157 -10.22 -6.93 -5.95
C SER A 157 -9.63 -5.58 -5.57
N GLY A 158 -8.70 -5.61 -4.63
CA GLY A 158 -8.08 -4.35 -4.24
C GLY A 158 -6.87 -4.13 -5.14
N TYR A 159 -6.02 -3.21 -4.70
CA TYR A 159 -4.78 -2.82 -5.37
C TYR A 159 -3.88 -3.98 -5.87
N ILE A 160 -3.55 -4.87 -4.94
CA ILE A 160 -2.68 -5.99 -5.20
C ILE A 160 -3.40 -7.01 -6.06
N GLY A 161 -4.70 -7.25 -5.84
CA GLY A 161 -5.37 -8.26 -6.63
C GLY A 161 -5.49 -7.81 -8.08
N ILE A 162 -5.82 -6.53 -8.33
CA ILE A 162 -5.86 -6.00 -9.68
C ILE A 162 -4.46 -6.00 -10.28
N GLU A 163 -3.35 -5.74 -9.56
CA GLU A 163 -2.04 -5.88 -10.17
C GLU A 163 -1.78 -7.32 -10.63
N ALA A 164 -2.14 -8.33 -9.81
CA ALA A 164 -1.98 -9.72 -10.25
C ALA A 164 -2.91 -10.07 -11.44
N ALA A 165 -4.18 -9.67 -11.43
CA ALA A 165 -5.06 -9.88 -12.57
C ALA A 165 -4.52 -9.28 -13.88
N GLU A 166 -3.98 -8.07 -13.87
CA GLU A 166 -3.45 -7.46 -15.07
C GLU A 166 -2.23 -8.22 -15.55
N ALA A 167 -1.31 -8.60 -14.64
CA ALA A 167 -0.13 -9.29 -15.05
C ALA A 167 -0.43 -10.69 -15.65
N PHE A 168 -1.40 -11.48 -15.13
CA PHE A 168 -1.69 -12.76 -15.77
C PHE A 168 -2.49 -12.62 -17.04
N ALA A 169 -3.38 -11.60 -17.19
CA ALA A 169 -4.14 -11.35 -18.40
C ALA A 169 -3.11 -10.95 -19.44
N LYS A 170 -2.15 -10.07 -19.15
CA LYS A 170 -1.15 -9.73 -20.14
C LYS A 170 -0.31 -10.94 -20.47
N ALA A 171 -0.12 -11.93 -19.62
CA ALA A 171 0.60 -13.14 -20.03
C ALA A 171 -0.28 -14.09 -20.89
N GLY A 172 -1.51 -13.73 -21.26
CA GLY A 172 -2.30 -14.56 -22.12
C GLY A 172 -3.18 -15.50 -21.33
N LYS A 173 -3.41 -15.38 -20.03
CA LYS A 173 -4.27 -16.30 -19.30
C LYS A 173 -5.70 -15.79 -19.19
N LYS A 174 -6.67 -16.62 -18.86
CA LYS A 174 -8.03 -16.19 -18.58
C LYS A 174 -8.08 -15.92 -17.09
N VAL A 175 -8.49 -14.74 -16.64
CA VAL A 175 -8.44 -14.39 -15.23
C VAL A 175 -9.85 -14.10 -14.69
N THR A 176 -10.21 -14.62 -13.54
CA THR A 176 -11.44 -14.23 -12.88
C THR A 176 -10.99 -13.61 -11.56
N VAL A 177 -11.56 -12.47 -11.22
CA VAL A 177 -11.29 -11.83 -9.95
C VAL A 177 -12.56 -12.01 -9.12
N ILE A 178 -12.47 -12.54 -7.90
CA ILE A 178 -13.62 -12.80 -7.04
C ILE A 178 -13.45 -11.98 -5.78
N ASP A 179 -14.55 -11.42 -5.33
CA ASP A 179 -14.51 -10.73 -4.07
C ASP A 179 -15.88 -10.61 -3.48
N ILE A 180 -15.99 -10.46 -2.15
CA ILE A 180 -17.26 -10.18 -1.48
C ILE A 180 -17.75 -8.74 -1.75
N LEU A 181 -16.87 -7.75 -1.98
CA LEU A 181 -17.23 -6.37 -2.20
C LEU A 181 -17.91 -6.19 -3.54
N ASP A 182 -18.64 -5.10 -3.72
CA ASP A 182 -19.39 -5.01 -4.94
C ASP A 182 -18.70 -4.29 -6.06
N ARG A 183 -17.52 -3.73 -5.89
CA ARG A 183 -16.84 -2.98 -6.95
C ARG A 183 -15.38 -3.31 -6.79
N PRO A 184 -14.54 -3.51 -7.81
CA PRO A 184 -13.09 -3.55 -7.64
C PRO A 184 -12.54 -2.19 -7.22
N LEU A 185 -11.48 -2.10 -6.41
CA LEU A 185 -10.79 -0.87 -6.06
C LEU A 185 -11.61 0.17 -5.33
N GLY A 186 -12.71 -0.24 -4.70
CA GLY A 186 -13.59 0.67 -3.99
C GLY A 186 -12.90 1.40 -2.85
N VAL A 187 -11.83 0.86 -2.26
CA VAL A 187 -11.14 1.54 -1.18
C VAL A 187 -10.41 2.73 -1.74
N TYR A 188 -10.12 2.77 -3.04
CA TYR A 188 -9.38 3.86 -3.64
C TYR A 188 -10.24 4.78 -4.48
N LEU A 189 -11.29 4.27 -5.10
CA LEU A 189 -12.03 4.98 -6.12
C LEU A 189 -13.51 4.78 -5.96
N ASP A 190 -14.26 5.79 -6.35
CA ASP A 190 -15.71 5.71 -6.35
C ASP A 190 -16.24 5.07 -7.61
N LYS A 191 -17.54 4.80 -7.64
CA LYS A 191 -18.20 4.07 -8.71
C LYS A 191 -18.07 4.65 -10.10
N GLU A 192 -18.08 5.96 -10.31
CA GLU A 192 -17.89 6.44 -11.66
C GLU A 192 -16.52 6.10 -12.23
N PHE A 193 -15.50 5.88 -11.41
CA PHE A 193 -14.20 5.51 -11.91
C PHE A 193 -14.16 4.00 -12.05
N THR A 194 -14.56 3.21 -11.04
CA THR A 194 -14.43 1.75 -11.15
C THR A 194 -15.36 1.18 -12.18
N ASP A 195 -16.46 1.84 -12.51
CA ASP A 195 -17.25 1.41 -13.67
C ASP A 195 -16.50 1.43 -15.01
N VAL A 196 -15.68 2.45 -15.28
CA VAL A 196 -14.90 2.57 -16.50
C VAL A 196 -13.82 1.50 -16.43
N LEU A 197 -13.20 1.34 -15.25
CA LEU A 197 -12.12 0.38 -15.12
C LEU A 197 -12.65 -1.04 -15.23
N THR A 198 -13.83 -1.38 -14.73
CA THR A 198 -14.40 -2.69 -14.97
C THR A 198 -14.59 -3.00 -16.45
N GLU A 199 -15.03 -2.03 -17.26
CA GLU A 199 -15.18 -2.28 -18.67
C GLU A 199 -13.83 -2.55 -19.30
N GLU A 200 -12.84 -1.71 -18.96
CA GLU A 200 -11.48 -1.88 -19.45
C GLU A 200 -10.90 -3.26 -19.13
N MET A 201 -10.99 -3.75 -17.90
CA MET A 201 -10.55 -5.09 -17.55
C MET A 201 -11.36 -6.13 -18.28
N GLU A 202 -12.70 -6.03 -18.41
CA GLU A 202 -13.45 -7.02 -19.17
C GLU A 202 -13.07 -7.04 -20.66
N ALA A 203 -12.60 -5.92 -21.22
CA ALA A 203 -12.09 -5.87 -22.57
C ALA A 203 -10.81 -6.65 -22.72
N ASN A 204 -10.14 -6.95 -21.61
CA ASN A 204 -8.87 -7.64 -21.67
C ASN A 204 -9.01 -9.02 -21.05
N ASN A 205 -10.21 -9.58 -21.20
CA ASN A 205 -10.73 -10.80 -20.58
C ASN A 205 -10.40 -11.28 -19.19
N ILE A 206 -10.76 -10.34 -18.33
CA ILE A 206 -10.74 -10.49 -16.89
C ILE A 206 -12.23 -10.49 -16.59
N THR A 207 -12.74 -11.49 -15.91
CA THR A 207 -14.12 -11.54 -15.48
C THR A 207 -14.06 -11.06 -14.04
N ILE A 208 -14.91 -10.09 -13.66
CA ILE A 208 -14.97 -9.64 -12.28
C ILE A 208 -16.24 -10.27 -11.67
N ALA A 209 -16.07 -11.19 -10.73
CA ALA A 209 -17.15 -11.83 -9.99
C ALA A 209 -17.28 -11.14 -8.61
N THR A 210 -18.13 -10.13 -8.47
CA THR A 210 -18.31 -9.40 -7.24
C THR A 210 -19.45 -9.98 -6.39
N GLY A 211 -19.46 -9.69 -5.09
CA GLY A 211 -20.53 -10.16 -4.25
C GLY A 211 -20.59 -11.68 -4.05
N GLU A 212 -19.47 -12.40 -4.01
CA GLU A 212 -19.48 -13.84 -3.77
C GLU A 212 -18.49 -14.17 -2.67
N THR A 213 -18.79 -15.18 -1.86
CA THR A 213 -17.96 -15.60 -0.74
C THR A 213 -17.33 -16.90 -1.17
N VAL A 214 -16.01 -17.02 -1.18
CA VAL A 214 -15.35 -18.26 -1.55
C VAL A 214 -15.59 -19.25 -0.43
N GLU A 215 -16.11 -20.43 -0.78
CA GLU A 215 -16.35 -21.48 0.20
C GLU A 215 -15.28 -22.53 0.27
N ARG A 216 -14.78 -23.05 -0.86
CA ARG A 216 -13.78 -24.08 -0.75
C ARG A 216 -12.96 -24.12 -2.04
N TYR A 217 -11.77 -24.69 -1.98
CA TYR A 217 -10.96 -24.93 -3.15
C TYR A 217 -11.21 -26.41 -3.40
N GLU A 218 -11.38 -26.86 -4.63
CA GLU A 218 -11.52 -28.27 -4.94
C GLU A 218 -10.41 -28.65 -5.88
N GLY A 219 -9.95 -29.88 -5.75
CA GLY A 219 -8.97 -30.41 -6.67
C GLY A 219 -8.29 -31.63 -6.09
N ASP A 220 -7.52 -32.29 -6.95
CA ASP A 220 -6.85 -33.50 -6.53
C ASP A 220 -5.37 -33.20 -6.49
N GLY A 221 -4.81 -33.04 -5.29
CA GLY A 221 -3.40 -32.72 -5.14
C GLY A 221 -3.17 -31.22 -5.27
N ARG A 222 -3.54 -30.69 -6.42
CA ARG A 222 -3.47 -29.29 -6.70
C ARG A 222 -4.87 -28.79 -7.04
N VAL A 223 -5.04 -27.46 -6.96
CA VAL A 223 -6.32 -26.80 -7.17
C VAL A 223 -6.75 -26.97 -8.61
N GLN A 224 -8.06 -27.13 -8.68
CA GLN A 224 -8.79 -27.27 -9.89
C GLN A 224 -10.04 -26.40 -9.87
N LYS A 225 -10.71 -26.11 -8.77
CA LYS A 225 -11.95 -25.35 -8.80
C LYS A 225 -11.91 -24.43 -7.62
N VAL A 226 -12.60 -23.30 -7.67
CA VAL A 226 -12.77 -22.44 -6.51
C VAL A 226 -14.29 -22.42 -6.43
N VAL A 227 -14.97 -22.77 -5.31
CA VAL A 227 -16.41 -22.64 -5.35
C VAL A 227 -16.82 -21.58 -4.33
N THR A 228 -17.78 -20.75 -4.74
CA THR A 228 -18.32 -19.66 -3.97
C THR A 228 -19.73 -20.06 -3.54
N ASP A 229 -20.42 -19.18 -2.81
CA ASP A 229 -21.80 -19.43 -2.46
C ASP A 229 -22.66 -19.46 -3.71
N LYS A 230 -22.24 -18.79 -4.81
CA LYS A 230 -23.05 -18.63 -6.00
C LYS A 230 -22.55 -19.37 -7.25
N ASN A 231 -21.38 -19.98 -7.24
CA ASN A 231 -20.76 -20.40 -8.49
C ASN A 231 -19.50 -21.23 -8.33
N ALA A 232 -18.95 -21.89 -9.34
CA ALA A 232 -17.68 -22.57 -9.18
C ALA A 232 -16.84 -22.17 -10.39
N TYR A 233 -15.58 -21.89 -10.17
CA TYR A 233 -14.73 -21.37 -11.22
C TYR A 233 -13.56 -22.32 -11.37
N ASP A 234 -13.25 -22.73 -12.60
CA ASP A 234 -12.07 -23.54 -12.85
C ASP A 234 -10.89 -22.65 -12.56
N ALA A 235 -9.88 -23.25 -11.98
CA ALA A 235 -8.71 -22.50 -11.63
C ALA A 235 -7.55 -23.45 -11.74
N ASP A 236 -6.56 -23.03 -12.51
CA ASP A 236 -5.29 -23.72 -12.55
C ASP A 236 -4.35 -23.12 -11.55
N LEU A 237 -4.62 -21.87 -11.16
CA LEU A 237 -3.78 -21.14 -10.21
C LEU A 237 -4.71 -20.17 -9.49
N VAL A 238 -4.50 -20.02 -8.19
CA VAL A 238 -5.29 -19.07 -7.40
C VAL A 238 -4.26 -18.13 -6.80
N VAL A 239 -4.50 -16.82 -6.81
CA VAL A 239 -3.67 -15.86 -6.15
C VAL A 239 -4.59 -15.29 -5.09
N VAL A 240 -4.21 -15.39 -3.82
CA VAL A 240 -5.07 -14.91 -2.73
C VAL A 240 -4.51 -13.55 -2.37
N ALA A 241 -5.31 -12.53 -2.61
CA ALA A 241 -4.91 -11.17 -2.35
C ALA A 241 -6.02 -10.47 -1.61
N VAL A 242 -6.46 -11.07 -0.54
CA VAL A 242 -7.58 -10.60 0.19
C VAL A 242 -7.18 -9.53 1.18
N GLY A 243 -5.93 -9.40 1.62
CA GLY A 243 -5.54 -8.40 2.60
C GLY A 243 -4.32 -8.90 3.33
N VAL A 244 -4.04 -8.28 4.44
CA VAL A 244 -2.80 -8.49 5.16
C VAL A 244 -3.06 -8.52 6.69
N ARG A 245 -2.42 -9.40 7.48
CA ARG A 245 -2.48 -9.50 8.94
C ARG A 245 -1.24 -8.82 9.53
N PRO A 246 -1.20 -7.95 10.57
CA PRO A 246 0.05 -7.47 11.18
C PRO A 246 0.88 -8.62 11.75
N ASN A 247 2.18 -8.60 11.57
CA ASN A 247 3.04 -9.65 12.04
C ASN A 247 3.33 -9.35 13.51
N THR A 248 2.38 -9.51 14.43
CA THR A 248 2.58 -9.07 15.80
C THR A 248 2.18 -10.08 16.89
N ALA A 249 1.79 -11.32 16.55
CA ALA A 249 1.26 -12.23 17.57
C ALA A 249 2.39 -12.53 18.57
N TRP A 250 3.64 -12.56 18.11
CA TRP A 250 4.79 -12.73 18.97
C TRP A 250 5.00 -11.62 19.99
N LEU A 251 4.26 -10.53 19.85
CA LEU A 251 4.44 -9.41 20.73
C LEU A 251 3.33 -9.36 21.76
N LYS A 252 2.34 -10.26 21.68
CA LYS A 252 1.22 -10.20 22.60
C LYS A 252 1.80 -10.43 23.98
N GLY A 253 1.46 -9.58 24.92
CA GLY A 253 2.01 -9.70 26.24
C GLY A 253 3.22 -8.78 26.41
N THR A 254 3.94 -8.42 25.35
CA THR A 254 5.09 -7.56 25.49
C THR A 254 4.71 -6.11 25.28
N LEU A 255 3.97 -5.81 24.22
CA LEU A 255 3.62 -4.42 23.95
C LEU A 255 2.12 -4.37 23.89
N GLU A 256 1.50 -3.25 24.17
CA GLU A 256 0.07 -3.13 24.01
C GLU A 256 -0.27 -3.14 22.54
N LEU A 257 -1.29 -3.91 22.21
CA LEU A 257 -1.78 -4.11 20.88
C LEU A 257 -3.24 -3.71 20.90
N HIS A 258 -3.75 -3.25 19.77
CA HIS A 258 -5.17 -2.97 19.56
C HIS A 258 -5.86 -4.33 19.33
N PRO A 259 -7.18 -4.50 19.44
CA PRO A 259 -7.88 -5.81 19.28
C PRO A 259 -7.62 -6.52 17.95
N ASN A 260 -7.33 -5.71 16.90
CA ASN A 260 -7.06 -6.26 15.59
C ASN A 260 -5.60 -6.62 15.42
N GLY A 261 -4.74 -6.50 16.42
CA GLY A 261 -3.34 -6.93 16.25
C GLY A 261 -2.34 -5.80 15.97
N LEU A 262 -2.76 -4.60 15.62
CA LEU A 262 -1.84 -3.50 15.36
C LEU A 262 -1.22 -2.99 16.66
N ILE A 263 0.03 -2.51 16.61
CA ILE A 263 0.74 -2.02 17.79
C ILE A 263 0.24 -0.64 18.16
N LYS A 264 0.02 -0.35 19.45
CA LYS A 264 -0.40 0.99 19.85
C LYS A 264 0.82 1.86 19.90
N THR A 265 0.80 3.05 19.29
CA THR A 265 1.92 3.99 19.27
C THR A 265 1.30 5.36 19.40
N ASP A 266 2.07 6.34 19.85
CA ASP A 266 1.52 7.68 19.84
C ASP A 266 2.07 8.46 18.65
N GLU A 267 1.90 9.77 18.61
CA GLU A 267 2.36 10.58 17.49
C GLU A 267 3.87 10.78 17.40
N TYR A 268 4.60 10.25 18.38
CA TYR A 268 6.07 10.22 18.33
C TYR A 268 6.61 8.84 17.98
N MET A 269 5.74 7.86 17.64
CA MET A 269 6.03 6.45 17.24
C MET A 269 6.41 5.58 18.43
N ARG A 270 6.21 6.10 19.63
CA ARG A 270 6.49 5.37 20.87
C ARG A 270 5.40 4.35 21.18
N THR A 271 5.83 3.15 21.54
CA THR A 271 4.93 2.08 21.96
C THR A 271 4.60 2.27 23.44
N SER A 272 3.94 1.28 24.03
CA SER A 272 3.61 1.33 25.42
C SER A 272 4.85 1.18 26.30
N GLU A 273 5.98 0.71 25.79
CA GLU A 273 7.16 0.48 26.59
C GLU A 273 8.26 1.48 26.31
N PRO A 274 9.05 1.97 27.29
CA PRO A 274 10.09 2.97 27.10
C PRO A 274 11.20 2.44 26.19
N ASP A 275 11.67 3.31 25.32
CA ASP A 275 12.72 3.03 24.35
C ASP A 275 12.42 2.07 23.23
N VAL A 276 11.16 1.64 22.99
CA VAL A 276 10.87 0.90 21.79
C VAL A 276 9.77 1.64 21.06
N PHE A 277 10.09 1.82 19.79
CA PHE A 277 9.33 2.54 18.80
C PHE A 277 8.81 1.57 17.75
N ALA A 278 7.61 1.78 17.19
CA ALA A 278 7.09 0.88 16.17
C ALA A 278 6.53 1.73 15.01
N VAL A 279 6.64 1.21 13.77
CA VAL A 279 6.49 1.98 12.52
C VAL A 279 5.92 1.00 11.48
N GLY A 280 5.35 1.50 10.38
CA GLY A 280 5.05 0.67 9.23
C GLY A 280 3.64 0.07 9.21
N ASP A 281 3.46 -0.98 8.40
CA ASP A 281 2.16 -1.65 8.28
C ASP A 281 1.54 -2.15 9.57
N ALA A 282 2.37 -2.46 10.57
CA ALA A 282 1.86 -2.93 11.84
C ALA A 282 1.34 -1.84 12.76
N THR A 283 1.15 -0.57 12.31
CA THR A 283 0.74 0.56 13.15
C THR A 283 -0.40 1.38 12.53
N LEU A 284 -1.01 2.29 13.28
CA LEU A 284 -2.08 3.19 12.82
C LEU A 284 -1.34 4.48 12.51
N ILE A 285 -1.82 5.35 11.64
CA ILE A 285 -1.11 6.58 11.31
C ILE A 285 -2.14 7.70 11.36
N LYS A 286 -1.70 8.92 11.71
CA LYS A 286 -2.56 10.07 11.74
C LYS A 286 -3.02 10.40 10.35
N TYR A 287 -4.32 10.50 10.18
CA TYR A 287 -4.97 10.65 8.92
C TYR A 287 -5.62 12.01 8.94
N ASN A 288 -5.01 13.00 8.29
CA ASN A 288 -5.50 14.38 8.35
C ASN A 288 -6.90 14.62 7.77
N PRO A 289 -7.43 14.03 6.66
CA PRO A 289 -8.76 14.31 6.16
C PRO A 289 -9.80 14.13 7.25
N ALA A 290 -9.61 13.23 8.19
CA ALA A 290 -10.67 13.01 9.16
C ALA A 290 -10.18 13.15 10.57
N ASP A 291 -8.98 13.69 10.75
CA ASP A 291 -8.42 13.84 12.05
C ASP A 291 -8.47 12.66 12.99
N THR A 292 -8.16 11.49 12.48
CA THR A 292 -8.22 10.31 13.29
C THR A 292 -7.04 9.41 12.95
N GLU A 293 -6.89 8.25 13.57
CA GLU A 293 -5.77 7.35 13.32
C GLU A 293 -6.42 6.22 12.53
N VAL A 294 -5.80 5.80 11.43
CA VAL A 294 -6.32 4.80 10.51
C VAL A 294 -5.11 3.94 10.16
N ASN A 295 -5.29 2.67 9.82
CA ASN A 295 -4.21 1.81 9.35
C ASN A 295 -4.19 2.00 7.85
N ILE A 296 -3.13 2.58 7.29
CA ILE A 296 -3.03 2.78 5.84
C ILE A 296 -1.70 2.14 5.47
N ALA A 297 -1.75 0.93 4.98
CA ALA A 297 -0.58 0.14 4.67
C ALA A 297 0.07 0.52 3.33
N LEU A 298 0.87 1.56 3.32
CA LEU A 298 1.54 2.04 2.12
C LEU A 298 2.98 2.28 2.50
N ALA A 299 3.86 2.07 1.55
CA ALA A 299 5.28 2.28 1.69
C ALA A 299 5.63 3.69 2.07
N THR A 300 4.97 4.68 1.50
CA THR A 300 5.26 6.07 1.82
C THR A 300 5.05 6.36 3.33
N ASN A 301 4.02 5.81 3.97
CA ASN A 301 3.75 6.00 5.39
C ASN A 301 4.86 5.38 6.23
N ALA A 302 5.24 4.12 5.94
CA ALA A 302 6.27 3.43 6.69
C ALA A 302 7.60 4.17 6.63
N ARG A 303 7.94 4.73 5.47
CA ARG A 303 9.17 5.48 5.34
C ARG A 303 9.17 6.74 6.17
N LYS A 304 8.08 7.51 6.17
CA LYS A 304 8.01 8.74 6.96
C LYS A 304 7.95 8.40 8.45
N GLN A 305 7.17 7.39 8.88
CA GLN A 305 7.16 7.04 10.28
C GLN A 305 8.56 6.60 10.72
N GLY A 306 9.31 5.85 9.92
CA GLY A 306 10.67 5.38 10.23
C GLY A 306 11.60 6.55 10.54
N ARG A 307 11.63 7.59 9.71
CA ARG A 307 12.42 8.76 10.02
C ARG A 307 11.87 9.45 11.27
N PHE A 308 10.56 9.58 11.53
CA PHE A 308 10.07 10.30 12.71
C PHE A 308 10.36 9.56 13.99
N ALA A 309 10.50 8.22 13.93
CA ALA A 309 10.86 7.43 15.10
C ALA A 309 12.27 7.84 15.48
N VAL A 310 13.20 8.01 14.54
CA VAL A 310 14.53 8.43 14.91
C VAL A 310 14.51 9.88 15.40
N LYS A 311 13.76 10.81 14.79
CA LYS A 311 13.69 12.15 15.33
C LYS A 311 13.26 12.24 16.77
N ASN A 312 12.49 11.26 17.24
CA ASN A 312 11.98 11.25 18.60
C ASN A 312 12.64 10.25 19.52
N LEU A 313 13.84 9.83 19.14
CA LEU A 313 14.61 8.83 19.83
C LEU A 313 14.91 9.19 21.27
N GLU A 314 15.34 10.42 21.49
CA GLU A 314 15.67 10.86 22.82
C GLU A 314 14.56 11.56 23.55
N GLU A 315 13.93 12.52 22.90
CA GLU A 315 12.84 13.26 23.48
C GLU A 315 11.71 13.29 22.45
N PRO A 316 10.47 13.21 22.88
CA PRO A 316 9.30 13.41 22.05
C PRO A 316 9.27 14.85 21.66
N VAL A 317 9.97 15.22 20.61
CA VAL A 317 10.05 16.59 20.17
C VAL A 317 9.37 16.94 18.81
N LYS A 318 8.90 15.96 18.02
CA LYS A 318 8.55 16.22 16.62
C LYS A 318 7.31 15.38 16.37
N PRO A 319 6.11 15.86 16.60
CA PRO A 319 4.91 15.06 16.37
C PRO A 319 4.73 14.81 14.88
N PHE A 320 4.30 13.62 14.50
CA PHE A 320 4.09 13.26 13.10
C PHE A 320 3.01 14.16 12.47
N PRO A 321 3.24 14.78 11.29
CA PRO A 321 2.32 15.69 10.63
C PRO A 321 1.09 15.02 10.07
N GLY A 322 1.05 13.70 9.88
CA GLY A 322 -0.17 13.08 9.39
C GLY A 322 -0.11 12.99 7.87
N VAL A 323 -0.97 12.14 7.32
CA VAL A 323 -0.94 11.84 5.89
C VAL A 323 -2.38 11.87 5.37
N GLN A 324 -2.55 11.82 4.04
CA GLN A 324 -3.84 11.85 3.41
C GLN A 324 -4.17 10.55 2.76
N GLY A 325 -3.35 9.50 2.76
CA GLY A 325 -3.68 8.24 2.13
C GLY A 325 -3.49 8.29 0.62
N SER A 326 -2.53 9.04 0.06
CA SER A 326 -2.42 9.14 -1.40
C SER A 326 -1.97 7.88 -2.08
N SER A 327 -2.55 7.43 -3.18
CA SER A 327 -2.12 6.26 -3.89
C SER A 327 -2.36 6.48 -5.36
N GLY A 328 -1.70 5.67 -6.19
CA GLY A 328 -1.79 5.82 -7.62
C GLY A 328 -1.46 4.52 -8.32
N LEU A 329 -1.91 4.25 -9.53
CA LEU A 329 -1.66 2.99 -10.21
C LEU A 329 -2.14 3.12 -11.66
N ALA A 330 -1.55 2.37 -12.57
CA ALA A 330 -2.04 2.25 -13.94
C ALA A 330 -2.78 0.92 -14.06
N VAL A 331 -3.98 0.88 -14.62
CA VAL A 331 -4.74 -0.37 -14.85
C VAL A 331 -4.94 -0.33 -16.37
N PHE A 332 -4.18 -1.17 -17.08
CA PHE A 332 -4.08 -1.25 -18.53
C PHE A 332 -3.82 0.18 -19.04
N ASP A 333 -4.71 0.77 -19.84
CA ASP A 333 -4.43 2.12 -20.34
C ASP A 333 -4.74 3.25 -19.37
N TYR A 334 -5.51 3.03 -18.30
CA TYR A 334 -5.87 4.12 -17.41
C TYR A 334 -4.85 4.37 -16.30
N LYS A 335 -4.52 5.62 -15.98
CA LYS A 335 -3.65 5.96 -14.86
C LYS A 335 -4.55 6.77 -13.91
N PHE A 336 -4.66 6.32 -12.66
CA PHE A 336 -5.52 7.01 -11.72
C PHE A 336 -4.70 7.36 -10.50
N ALA A 337 -5.19 8.29 -9.71
CA ALA A 337 -4.58 8.64 -8.45
C ALA A 337 -5.68 9.14 -7.56
N SER A 338 -5.54 8.87 -6.26
CA SER A 338 -6.49 9.42 -5.33
C SER A 338 -5.90 9.74 -4.00
N THR A 339 -6.54 10.63 -3.26
CA THR A 339 -6.06 10.99 -1.94
C THR A 339 -7.26 11.37 -1.09
N GLY A 340 -7.14 11.26 0.22
CA GLY A 340 -8.19 11.70 1.11
C GLY A 340 -9.48 10.87 1.04
N ILE A 341 -10.58 11.48 1.44
CA ILE A 341 -11.81 10.75 1.65
C ILE A 341 -12.53 10.53 0.36
N ASN A 342 -12.92 9.29 0.18
CA ASN A 342 -13.78 8.91 -0.93
C ASN A 342 -15.01 8.26 -0.30
N GLU A 343 -15.88 7.58 -1.05
CA GLU A 343 -17.14 7.02 -0.55
C GLU A 343 -16.99 5.91 0.48
N VAL A 344 -16.15 4.93 0.26
CA VAL A 344 -15.95 3.88 1.22
C VAL A 344 -15.28 4.44 2.48
N MET A 345 -14.32 5.38 2.44
CA MET A 345 -13.73 5.97 3.65
C MET A 345 -14.76 6.76 4.43
N ALA A 346 -15.62 7.54 3.77
CA ALA A 346 -16.63 8.33 4.45
C ALA A 346 -17.60 7.40 5.17
N GLN A 347 -17.95 6.27 4.59
CA GLN A 347 -18.80 5.28 5.22
C GLN A 347 -18.21 4.71 6.51
N LYS A 348 -17.00 4.22 6.41
CA LYS A 348 -16.28 3.68 7.51
C LYS A 348 -16.20 4.68 8.64
N LEU A 349 -15.82 5.92 8.34
CA LEU A 349 -15.68 6.94 9.35
C LEU A 349 -16.97 7.68 9.76
N GLY A 350 -18.12 7.48 9.11
CA GLY A 350 -19.35 8.19 9.41
C GLY A 350 -19.19 9.69 9.22
N LYS A 351 -18.64 10.09 8.07
CA LYS A 351 -18.29 11.47 7.75
C LYS A 351 -19.20 11.87 6.60
N GLU A 352 -19.91 12.99 6.61
CA GLU A 352 -20.76 13.37 5.49
C GLU A 352 -19.93 14.22 4.52
N THR A 353 -20.04 14.06 3.19
CA THR A 353 -19.24 14.83 2.25
C THR A 353 -20.11 15.31 1.10
N LYS A 354 -19.68 16.27 0.27
CA LYS A 354 -20.35 16.61 -0.98
C LYS A 354 -19.27 16.42 -2.03
N ALA A 355 -19.55 16.33 -3.30
CA ALA A 355 -18.52 16.07 -4.29
C ALA A 355 -18.99 16.58 -5.64
N VAL A 356 -18.12 17.05 -6.54
CA VAL A 356 -18.52 17.30 -7.91
C VAL A 356 -17.65 16.38 -8.77
N THR A 357 -18.08 15.83 -9.90
CA THR A 357 -17.25 15.03 -10.77
C THR A 357 -17.26 15.72 -12.14
N VAL A 358 -16.10 16.03 -12.76
CA VAL A 358 -16.00 16.60 -14.09
C VAL A 358 -15.37 15.57 -14.98
N VAL A 359 -15.89 15.35 -16.18
CA VAL A 359 -15.35 14.40 -17.14
C VAL A 359 -15.31 15.21 -18.42
N GLU A 360 -14.16 15.57 -18.94
CA GLU A 360 -14.12 16.28 -20.21
C GLU A 360 -12.71 16.20 -20.71
N ASP A 361 -12.44 16.67 -21.91
CA ASP A 361 -11.10 16.64 -22.44
C ASP A 361 -10.21 17.56 -21.67
N TYR A 362 -8.97 17.14 -21.38
CA TYR A 362 -8.14 17.98 -20.57
C TYR A 362 -7.36 18.98 -21.41
N LEU A 363 -7.43 18.92 -22.74
CA LEU A 363 -6.80 19.91 -23.59
C LEU A 363 -7.93 20.60 -24.37
N MET A 364 -7.63 21.78 -24.85
CA MET A 364 -8.55 22.58 -25.63
C MET A 364 -8.90 21.83 -26.90
N ASP A 365 -10.10 22.15 -27.33
CA ASP A 365 -10.78 21.55 -28.45
C ASP A 365 -10.00 21.50 -29.75
N PHE A 366 -9.24 22.54 -30.11
CA PHE A 366 -8.47 22.52 -31.34
C PHE A 366 -7.28 21.58 -31.22
N ASN A 367 -6.86 21.13 -30.03
CA ASN A 367 -5.63 20.36 -29.94
C ASN A 367 -5.85 18.87 -30.21
N PRO A 368 -5.28 18.24 -31.25
CA PRO A 368 -5.60 16.87 -31.61
C PRO A 368 -5.19 15.83 -30.57
N ASP A 369 -4.30 16.16 -29.64
CA ASP A 369 -3.92 15.22 -28.63
C ASP A 369 -4.87 15.12 -27.48
N LYS A 370 -5.97 15.89 -27.51
CA LYS A 370 -6.86 15.88 -26.37
C LYS A 370 -7.40 14.49 -26.02
N GLN A 371 -7.60 14.21 -24.73
CA GLN A 371 -8.17 12.95 -24.20
C GLN A 371 -9.07 13.31 -23.01
N LYS A 372 -10.09 12.46 -22.73
CA LYS A 372 -10.98 12.64 -21.57
C LYS A 372 -10.21 12.46 -20.28
N ALA A 373 -10.63 13.20 -19.27
CA ALA A 373 -10.13 12.97 -17.96
C ALA A 373 -11.34 13.03 -17.04
N TRP A 374 -11.26 12.26 -15.95
CA TRP A 374 -12.27 12.21 -14.90
C TRP A 374 -11.73 12.87 -13.66
N PHE A 375 -12.40 13.80 -12.98
CA PHE A 375 -11.80 14.35 -11.77
C PHE A 375 -12.95 14.49 -10.81
N LYS A 376 -12.81 14.05 -9.56
CA LYS A 376 -13.88 14.16 -8.58
C LYS A 376 -13.27 14.86 -7.39
N LEU A 377 -13.92 15.91 -6.88
CA LEU A 377 -13.44 16.71 -5.77
C LEU A 377 -14.44 16.52 -4.64
N VAL A 378 -13.98 16.08 -3.44
CA VAL A 378 -14.83 15.75 -2.30
C VAL A 378 -14.55 16.85 -1.28
N TYR A 379 -15.58 17.45 -0.70
CA TYR A 379 -15.32 18.56 0.21
C TYR A 379 -16.25 18.54 1.39
N ASP A 380 -15.96 19.19 2.48
CA ASP A 380 -16.86 19.25 3.61
C ASP A 380 -18.13 20.08 3.33
N PRO A 381 -19.38 19.65 3.50
CA PRO A 381 -20.56 20.46 3.27
C PRO A 381 -20.63 21.74 4.09
N GLU A 382 -20.17 21.72 5.33
CA GLU A 382 -20.21 22.94 6.11
C GLU A 382 -19.08 23.92 5.82
N THR A 383 -17.83 23.50 5.85
CA THR A 383 -16.78 24.45 5.72
C THR A 383 -16.34 24.71 4.31
N THR A 384 -16.70 23.77 3.44
CA THR A 384 -16.24 23.56 2.08
C THR A 384 -14.72 23.29 2.04
N GLN A 385 -14.06 22.85 3.12
CA GLN A 385 -12.63 22.47 3.07
C GLN A 385 -12.49 21.22 2.20
N ILE A 386 -11.39 21.10 1.50
CA ILE A 386 -11.16 19.95 0.64
C ILE A 386 -10.92 18.71 1.48
N LEU A 387 -11.56 17.59 1.15
CA LEU A 387 -11.41 16.38 1.90
C LEU A 387 -10.80 15.28 1.06
N GLY A 388 -10.90 15.33 -0.27
CA GLY A 388 -10.31 14.27 -1.08
C GLY A 388 -10.41 14.56 -2.56
N ALA A 389 -9.84 13.73 -3.42
CA ALA A 389 -10.00 13.93 -4.84
C ALA A 389 -9.52 12.64 -5.48
N GLN A 390 -10.08 12.35 -6.65
CA GLN A 390 -9.75 11.17 -7.45
C GLN A 390 -9.63 11.66 -8.89
N LEU A 391 -8.72 11.11 -9.66
CA LEU A 391 -8.57 11.52 -11.04
C LEU A 391 -8.16 10.32 -11.84
N MET A 392 -8.50 10.30 -13.13
CA MET A 392 -8.16 9.17 -13.99
C MET A 392 -8.11 9.65 -15.43
N SER A 393 -7.24 9.14 -16.27
CA SER A 393 -7.25 9.44 -17.69
C SER A 393 -6.30 8.46 -18.33
N LYS A 394 -6.36 8.28 -19.66
CA LYS A 394 -5.33 7.49 -20.33
C LYS A 394 -4.08 8.36 -20.44
N ALA A 395 -4.21 9.68 -20.34
CA ALA A 395 -3.08 10.56 -20.27
C ALA A 395 -2.56 10.52 -18.81
N ASP A 396 -1.28 10.70 -18.54
CA ASP A 396 -0.85 10.75 -17.17
C ASP A 396 -0.99 12.12 -16.57
N LEU A 397 -2.03 12.34 -15.76
CA LEU A 397 -2.24 13.60 -15.07
C LEU A 397 -2.07 13.37 -13.58
N THR A 398 -1.51 12.24 -13.16
CA THR A 398 -1.54 11.84 -11.78
C THR A 398 -0.79 12.75 -10.85
N ALA A 399 0.25 13.49 -11.28
CA ALA A 399 0.99 14.37 -10.40
C ALA A 399 0.11 15.48 -9.86
N ASN A 400 -1.06 15.78 -10.48
CA ASN A 400 -2.01 16.77 -9.94
C ASN A 400 -2.58 16.35 -8.60
N ILE A 401 -2.63 15.08 -8.24
CA ILE A 401 -3.14 14.68 -6.96
C ILE A 401 -2.15 15.17 -5.89
N ASN A 402 -0.88 15.45 -6.22
CA ASN A 402 0.05 15.93 -5.18
C ASN A 402 -0.36 17.30 -4.70
N ALA A 403 -1.00 18.13 -5.52
CA ALA A 403 -1.49 19.43 -5.10
C ALA A 403 -2.69 19.24 -4.19
N ILE A 404 -3.53 18.23 -4.41
CA ILE A 404 -4.71 18.08 -3.59
C ILE A 404 -4.33 17.58 -2.20
N SER A 405 -3.35 16.67 -2.12
CA SER A 405 -2.88 16.21 -0.82
C SER A 405 -2.45 17.42 0.03
N LEU A 406 -1.65 18.37 -0.50
CA LEU A 406 -1.23 19.56 0.21
C LEU A 406 -2.41 20.43 0.51
N ALA A 407 -3.38 20.56 -0.41
CA ALA A 407 -4.56 21.38 -0.18
C ALA A 407 -5.30 20.84 1.03
N ILE A 408 -5.40 19.52 1.24
CA ILE A 408 -6.11 18.96 2.40
C ILE A 408 -5.39 19.26 3.67
N GLN A 409 -4.09 18.95 3.69
CA GLN A 409 -3.24 19.26 4.81
C GLN A 409 -3.29 20.77 5.12
N ALA A 410 -3.29 21.73 4.21
CA ALA A 410 -3.43 23.12 4.60
C ALA A 410 -4.88 23.51 4.86
N LYS A 411 -5.90 22.64 4.78
CA LYS A 411 -7.28 23.00 5.03
C LYS A 411 -7.79 24.08 4.08
N MET A 412 -7.45 24.01 2.81
CA MET A 412 -7.93 24.99 1.85
C MET A 412 -9.35 24.58 1.52
N THR A 413 -10.07 25.49 0.86
CA THR A 413 -11.47 25.34 0.57
C THR A 413 -11.67 25.27 -0.95
N ILE A 414 -12.86 24.90 -1.44
CA ILE A 414 -13.13 24.90 -2.88
C ILE A 414 -12.85 26.27 -3.54
N GLU A 415 -13.09 27.38 -2.84
CA GLU A 415 -12.84 28.69 -3.40
C GLU A 415 -11.36 28.92 -3.58
N ASP A 416 -10.52 28.47 -2.63
CA ASP A 416 -9.08 28.61 -2.78
C ASP A 416 -8.58 27.91 -4.04
N LEU A 417 -9.10 26.70 -4.30
CA LEU A 417 -8.67 25.97 -5.46
C LEU A 417 -9.29 26.42 -6.76
N ALA A 418 -10.52 26.99 -6.74
CA ALA A 418 -11.14 27.44 -7.98
C ALA A 418 -10.25 28.55 -8.55
N TYR A 419 -9.60 29.38 -7.72
CA TYR A 419 -8.80 30.47 -8.28
C TYR A 419 -7.34 30.30 -7.99
N ALA A 420 -6.85 29.11 -7.60
CA ALA A 420 -5.43 28.93 -7.37
C ALA A 420 -4.63 29.04 -8.67
N ASP A 421 -3.42 29.60 -8.59
CA ASP A 421 -2.64 29.86 -9.74
C ASP A 421 -1.98 28.61 -10.27
N PHE A 422 -2.52 27.99 -11.30
CA PHE A 422 -1.84 26.86 -11.90
C PHE A 422 -1.46 27.29 -13.31
N PHE A 423 -0.26 26.99 -13.81
CA PHE A 423 0.10 27.45 -15.17
C PHE A 423 -0.82 26.96 -16.29
N PHE A 424 -0.81 27.70 -17.40
CA PHE A 424 -1.50 27.30 -18.63
C PHE A 424 -0.53 27.36 -19.79
N GLN A 425 -0.53 26.32 -20.62
CA GLN A 425 0.14 26.35 -21.90
C GLN A 425 -0.61 25.26 -22.68
N PRO A 426 -1.14 25.53 -23.88
CA PRO A 426 -2.13 24.68 -24.55
C PRO A 426 -1.65 23.30 -24.96
N ALA A 427 -0.35 23.00 -24.91
CA ALA A 427 0.07 21.63 -25.16
C ALA A 427 -0.07 20.81 -23.85
N PHE A 428 -0.29 21.44 -22.69
CA PHE A 428 -0.32 20.75 -21.40
C PHE A 428 -1.67 20.75 -20.70
N ASP A 429 -2.50 21.80 -20.86
CA ASP A 429 -3.76 21.89 -20.13
C ASP A 429 -4.65 22.97 -20.70
N LYS A 430 -5.76 23.29 -20.05
CA LYS A 430 -6.71 24.33 -20.41
C LYS A 430 -6.49 25.56 -19.55
N PRO A 431 -6.99 26.76 -19.90
CA PRO A 431 -6.77 27.97 -19.07
C PRO A 431 -7.17 27.74 -17.61
N TRP A 432 -8.21 26.97 -17.31
CA TRP A 432 -8.59 26.58 -15.94
C TRP A 432 -8.26 25.10 -16.01
N ASN A 433 -7.25 24.67 -15.27
CA ASN A 433 -6.77 23.30 -15.44
C ASN A 433 -7.73 22.35 -14.75
N ILE A 434 -7.44 21.06 -14.72
CA ILE A 434 -8.31 20.06 -14.13
C ILE A 434 -8.79 20.32 -12.68
N ILE A 435 -7.90 20.84 -11.81
CA ILE A 435 -8.24 21.15 -10.44
C ILE A 435 -9.14 22.38 -10.40
N ASN A 436 -8.73 23.46 -11.09
CA ASN A 436 -9.52 24.68 -11.16
C ASN A 436 -10.94 24.45 -11.63
N THR A 437 -11.09 23.66 -12.68
CA THR A 437 -12.37 23.39 -13.26
C THR A 437 -13.33 22.70 -12.32
N ALA A 438 -12.89 21.68 -11.58
CA ALA A 438 -13.78 21.00 -10.66
C ALA A 438 -14.08 21.90 -9.47
N ALA A 439 -13.10 22.63 -8.94
CA ALA A 439 -13.37 23.55 -7.85
C ALA A 439 -14.35 24.65 -8.31
N LEU A 440 -14.28 25.15 -9.57
CA LEU A 440 -15.27 26.12 -10.07
C LEU A 440 -16.68 25.54 -10.09
N GLU A 441 -16.81 24.25 -10.41
CA GLU A 441 -18.11 23.59 -10.39
C GLU A 441 -18.69 23.49 -8.98
N ALA A 442 -17.85 23.16 -7.99
CA ALA A 442 -18.22 23.09 -6.59
C ALA A 442 -18.67 24.46 -6.11
N VAL A 443 -17.91 25.55 -6.35
CA VAL A 443 -18.35 26.90 -6.00
C VAL A 443 -19.73 27.20 -6.58
N LYS A 444 -20.02 26.87 -7.84
CA LYS A 444 -21.33 27.10 -8.41
C LYS A 444 -22.38 26.29 -7.68
N GLN A 445 -22.11 25.03 -7.34
CA GLN A 445 -23.06 24.21 -6.62
C GLN A 445 -23.32 24.77 -5.22
N GLU A 446 -22.41 25.50 -4.60
CA GLU A 446 -22.69 26.07 -3.31
C GLU A 446 -23.11 27.51 -3.48
N ARG A 447 -23.56 27.98 -4.65
CA ARG A 447 -23.90 29.38 -4.78
C ARG A 447 -25.39 29.36 -4.50
PA FAD B . 7.03 -5.14 5.50
O1A FAD B . 6.01 -6.15 5.72
O2A FAD B . 7.25 -4.74 4.08
O5B FAD B . 8.33 -5.68 5.97
C5B FAD B . 8.59 -6.29 7.33
C4B FAD B . 10.03 -6.79 7.24
O4B FAD B . 10.48 -7.14 8.55
C3B FAD B . 10.15 -8.04 6.34
O3B FAD B . 11.39 -8.08 5.61
C2B FAD B . 10.13 -9.16 7.43
O2B FAD B . 10.85 -10.29 6.93
C1B FAD B . 10.93 -8.50 8.56
N9A FAD B . 10.65 -9.12 9.88
C8A FAD B . 9.44 -9.31 10.49
N7A FAD B . 9.51 -9.86 11.69
C5A FAD B . 10.86 -10.06 11.94
C6A FAD B . 11.53 -10.52 13.08
N6A FAD B . 10.84 -10.75 14.21
N1A FAD B . 12.86 -10.50 13.03
C2A FAD B . 13.46 -9.98 11.95
N3A FAD B . 12.95 -9.55 10.79
C4A FAD B . 11.59 -9.54 10.82
N1 FAD B . 2.92 0.80 -1.17
C2 FAD B . 3.00 1.91 -1.86
O2 FAD B . 3.04 2.99 -1.24
N3 FAD B . 3.01 1.94 -3.26
C4 FAD B . 2.97 0.76 -4.00
O4 FAD B . 3.08 0.73 -5.23
C4X FAD B . 2.78 -0.44 -3.25
N5 FAD B . 2.66 -1.58 -3.93
C5X FAD B . 2.53 -2.72 -3.20
C6 FAD B . 2.39 -3.91 -3.92
C7 FAD B . 2.48 -5.10 -3.28
C7M FAD B . 2.46 -6.42 -4.10
C8 FAD B . 2.56 -5.14 -1.85
C8M FAD B . 2.70 -6.47 -1.13
C9 FAD B . 2.51 -3.97 -1.11
C9A FAD B . 2.55 -2.73 -1.78
N10 FAD B . 2.64 -1.53 -1.10
C10 FAD B . 2.77 -0.37 -1.81
C1' FAD B . 2.65 -1.47 0.37
C2' FAD B . 4.06 -1.45 0.97
O2' FAD B . 4.77 -2.52 0.34
C3' FAD B . 4.02 -1.63 2.51
O3' FAD B . 3.17 -0.62 3.03
C4' FAD B . 5.39 -1.57 3.22
O4' FAD B . 6.24 -2.58 2.71
C5' FAD B . 5.32 -1.82 4.73
O5' FAD B . 6.69 -1.76 5.30
P FAD B . 6.99 -2.39 6.65
O1P FAD B . 8.41 -2.08 6.98
O2P FAD B . 5.99 -1.89 7.61
O3P FAD B . 6.71 -3.93 6.49
#